data_7TEF
#
_entry.id   7TEF
#
_cell.length_a   70.934
_cell.length_b   73.112
_cell.length_c   89.706
_cell.angle_alpha   90.000
_cell.angle_beta   90.000
_cell.angle_gamma   90.000
#
_symmetry.space_group_name_H-M   'P 21 21 21'
#
loop_
_entity.id
_entity.type
_entity.pdbx_description
1 polymer 'Cytochrome P450 51B1 Cyp51B1'
2 non-polymer 'PROTOPORPHYRIN IX CONTAINING FE'
3 non-polymer 2-[BIS-(2-HYDROXY-ETHYL)-AMINO]-2-HYDROXYMETHYL-PROPANE-1,3-DIOL
4 non-polymer 'SULFATE ION'
5 water water
#
_entity_poly.entity_id   1
_entity_poly.type   'polypeptide(L)'
_entity_poly.pdbx_seq_one_letter_code
;MTTAIVPRVSGGEEEHGHLEEFRTDPIGLMQRVRDECGDVGWFQLANKHVVLLSGAKANEFFFRSSDEELDQAEAYPFMT
PIFGKGVVFDASPERRKEMLHNSALRGEHMKGHATTIEREVHRMIENWGQEGEIDLLEFFAELTIYTSTSCLIGTKFRNQ
LDSRFAHFYHELERGTDPLCYVDPYLPIESFRRRDEARKGLVALVQDIMHQRVANPPTDKRDRDMLDVLVSITDEQGNPR
FCADEVTGMFISLMFAGHHTSSGTSAWTLIELLRHPDAYAAVIDELDELYADGQPVSFHALRQIPRLENVLKETLRLHPP
LIILMRVAKGEFQVEGYPIHEGELVAASPAISNRIAEDFPDPDEFVPERYQEPRQEDLINRWTWIPFGAGRHRCVGAAFA
TMQIKAIFSVLLREYEFEMAQPADSYRNDHSKMVVQLARPARVRYRRRKMSDNRGH
;
_entity_poly.pdbx_strand_id   A
#
# COMPACT_ATOMS: atom_id res chain seq x y z
N MET A 1 -19.07 29.53 -23.62
CA MET A 1 -20.50 29.33 -23.39
C MET A 1 -20.97 28.02 -24.03
N THR A 2 -20.25 27.59 -25.07
CA THR A 2 -20.54 26.32 -25.73
C THR A 2 -19.82 25.16 -25.02
N THR A 3 -18.51 25.26 -24.88
CA THR A 3 -17.70 24.25 -24.21
C THR A 3 -17.34 24.71 -22.80
N ALA A 4 -17.44 23.79 -21.85
CA ALA A 4 -17.17 24.08 -20.46
C ALA A 4 -15.66 24.17 -20.21
N ILE A 5 -15.30 24.84 -19.12
CA ILE A 5 -13.95 24.81 -18.58
C ILE A 5 -14.03 24.16 -17.20
N VAL A 6 -13.12 23.23 -16.93
CA VAL A 6 -13.07 22.63 -15.58
C VAL A 6 -12.62 23.70 -14.60
N PRO A 7 -13.34 23.92 -13.49
CA PRO A 7 -12.95 24.98 -12.55
C PRO A 7 -11.66 24.62 -11.80
N ARG A 8 -10.82 25.62 -11.59
CA ARG A 8 -9.57 25.43 -10.86
C ARG A 8 -9.80 25.68 -9.37
N VAL A 9 -9.30 24.81 -8.52
CA VAL A 9 -9.48 25.02 -7.09
C VAL A 9 -8.67 26.23 -6.63
N SER A 10 -9.14 26.90 -5.58
CA SER A 10 -8.47 28.09 -5.09
C SER A 10 -7.09 27.75 -4.53
N GLY A 11 -6.30 28.79 -4.25
CA GLY A 11 -4.95 28.60 -3.73
C GLY A 11 -3.95 28.36 -4.86
N GLY A 12 -2.84 27.74 -4.49
CA GLY A 12 -1.85 27.40 -5.51
C GLY A 12 -1.26 28.62 -6.18
N GLU A 13 -0.97 29.66 -5.40
CA GLU A 13 -0.43 30.89 -5.96
C GLU A 13 1.07 30.81 -6.22
N GLU A 14 1.74 29.78 -5.72
CA GLU A 14 3.16 29.65 -5.94
C GLU A 14 3.45 29.26 -7.40
N GLU A 15 4.73 29.31 -7.78
CA GLU A 15 5.08 29.06 -9.17
C GLU A 15 4.76 27.63 -9.58
N HIS A 16 4.87 26.66 -8.66
CA HIS A 16 4.49 25.28 -8.99
C HIS A 16 3.07 24.95 -8.56
N GLY A 17 2.25 25.97 -8.33
CA GLY A 17 0.81 25.77 -8.19
C GLY A 17 0.47 25.25 -6.82
N HIS A 18 -0.33 24.18 -6.77
CA HIS A 18 -0.73 23.58 -5.50
C HIS A 18 0.28 22.56 -4.98
N LEU A 19 1.47 22.49 -5.58
CA LEU A 19 2.41 21.43 -5.24
C LEU A 19 2.78 21.47 -3.75
N GLU A 20 3.05 22.66 -3.21
CA GLU A 20 3.46 22.76 -1.81
C GLU A 20 2.35 22.34 -0.86
N GLU A 21 1.10 22.71 -1.16
CA GLU A 21 -0.02 22.19 -0.37
C GLU A 21 -0.15 20.67 -0.53
N PHE A 22 0.10 20.17 -1.73
CA PHE A 22 -0.01 18.72 -1.97
C PHE A 22 1.04 17.92 -1.17
N ARG A 23 2.18 18.53 -0.83
CA ARG A 23 3.18 17.83 -0.04
C ARG A 23 3.10 18.16 1.45
N THR A 24 2.05 18.87 1.88
CA THR A 24 1.83 19.08 3.30
C THR A 24 0.46 18.59 3.75
N ASP A 25 -0.60 18.91 3.01
CA ASP A 25 -1.95 18.51 3.38
C ASP A 25 -2.72 18.13 2.12
N PRO A 26 -2.32 17.03 1.48
CA PRO A 26 -3.00 16.64 0.23
C PRO A 26 -4.47 16.35 0.43
N ILE A 27 -4.85 15.81 1.59
CA ILE A 27 -6.25 15.47 1.78
C ILE A 27 -7.09 16.73 1.88
N GLY A 28 -6.58 17.73 2.59
CA GLY A 28 -7.30 19.01 2.64
C GLY A 28 -7.43 19.66 1.27
N LEU A 29 -6.38 19.55 0.45
CA LEU A 29 -6.46 20.09 -0.91
C LEU A 29 -7.56 19.43 -1.71
N MET A 30 -7.58 18.09 -1.71
CA MET A 30 -8.59 17.36 -2.45
C MET A 30 -10.00 17.63 -1.90
N GLN A 31 -10.11 17.77 -0.57
CA GLN A 31 -11.38 18.17 0.03
C GLN A 31 -11.83 19.53 -0.49
N ARG A 32 -10.89 20.47 -0.65
CA ARG A 32 -11.29 21.77 -1.19
C ARG A 32 -11.70 21.66 -2.65
N VAL A 33 -11.03 20.80 -3.43
CA VAL A 33 -11.45 20.61 -4.82
C VAL A 33 -12.90 20.17 -4.87
N ARG A 34 -13.24 19.18 -4.04
CA ARG A 34 -14.62 18.69 -3.94
C ARG A 34 -15.58 19.80 -3.54
N ASP A 35 -15.25 20.55 -2.48
CA ASP A 35 -16.16 21.55 -1.93
C ASP A 35 -16.39 22.72 -2.88
N GLU A 36 -15.33 23.19 -3.53
CA GLU A 36 -15.45 24.35 -4.41
C GLU A 36 -15.94 23.97 -5.80
N CYS A 37 -15.42 22.87 -6.35
CA CYS A 37 -15.62 22.52 -7.74
C CYS A 37 -16.71 21.47 -7.97
N GLY A 38 -16.97 20.61 -7.00
CA GLY A 38 -17.90 19.53 -7.25
C GLY A 38 -17.20 18.30 -7.79
N ASP A 39 -17.87 17.55 -8.69
CA ASP A 39 -17.38 16.25 -9.12
C ASP A 39 -16.16 16.34 -10.03
N VAL A 40 -15.93 17.48 -10.69
CA VAL A 40 -14.81 17.64 -11.61
C VAL A 40 -14.16 18.98 -11.32
N GLY A 41 -12.94 18.96 -10.76
CA GLY A 41 -12.19 20.17 -10.58
C GLY A 41 -10.73 19.91 -10.89
N TRP A 42 -9.91 20.96 -10.91
CA TRP A 42 -8.50 20.68 -11.16
C TRP A 42 -7.59 21.45 -10.23
N PHE A 43 -6.41 20.88 -10.01
CA PHE A 43 -5.34 21.54 -9.26
C PHE A 43 -4.02 21.36 -10.00
N GLN A 44 -3.06 22.21 -9.63
CA GLN A 44 -1.80 22.35 -10.35
C GLN A 44 -0.63 21.73 -9.58
N LEU A 45 0.14 20.85 -10.25
CA LEU A 45 1.38 20.29 -9.69
C LEU A 45 2.53 20.56 -10.67
N ALA A 46 3.32 21.59 -10.40
CA ALA A 46 4.39 22.04 -11.30
C ALA A 46 3.71 22.37 -12.62
N ASN A 47 4.12 21.76 -13.75
CA ASN A 47 3.47 21.97 -15.02
C ASN A 47 2.29 21.04 -15.26
N LYS A 48 1.96 20.17 -14.29
CA LYS A 48 0.89 19.19 -14.45
C LYS A 48 -0.45 19.76 -14.04
N HIS A 49 -1.48 19.42 -14.80
CA HIS A 49 -2.84 19.90 -14.66
C HIS A 49 -3.68 18.67 -14.28
N VAL A 50 -4.02 18.54 -13.01
CA VAL A 50 -4.62 17.33 -12.45
C VAL A 50 -6.13 17.55 -12.34
N VAL A 51 -6.89 16.86 -13.19
CA VAL A 51 -8.35 16.84 -13.10
C VAL A 51 -8.76 15.83 -12.04
N LEU A 52 -9.18 16.31 -10.88
CA LEU A 52 -9.64 15.47 -9.79
C LEU A 52 -11.13 15.21 -9.89
N LEU A 53 -11.47 13.93 -9.99
CA LEU A 53 -12.85 13.44 -10.07
C LEU A 53 -13.33 12.97 -8.71
N SER A 54 -14.63 13.11 -8.47
CA SER A 54 -15.19 12.60 -7.23
C SER A 54 -16.67 12.35 -7.42
N GLY A 55 -17.24 11.55 -6.51
CA GLY A 55 -18.60 11.09 -6.66
C GLY A 55 -18.68 9.86 -7.54
N ALA A 56 -19.83 9.16 -7.44
CA ALA A 56 -20.00 7.86 -8.08
C ALA A 56 -19.86 7.92 -9.60
N LYS A 57 -20.46 8.93 -10.26
CA LYS A 57 -20.46 8.98 -11.72
C LYS A 57 -19.05 9.20 -12.27
N ALA A 58 -18.35 10.22 -11.76
CA ALA A 58 -17.00 10.49 -12.23
C ALA A 58 -16.05 9.35 -11.88
N ASN A 59 -16.18 8.82 -10.65
CA ASN A 59 -15.36 7.67 -10.27
C ASN A 59 -15.56 6.52 -11.24
N GLU A 60 -16.82 6.27 -11.64
CA GLU A 60 -17.07 5.18 -12.58
C GLU A 60 -16.36 5.42 -13.89
N PHE A 61 -16.38 6.67 -14.39
CA PHE A 61 -15.63 6.96 -15.61
C PHE A 61 -14.14 6.62 -15.44
N PHE A 62 -13.56 7.06 -14.31
CA PHE A 62 -12.15 6.74 -14.01
C PHE A 62 -11.91 5.24 -14.01
N PHE A 63 -12.67 4.51 -13.21
CA PHE A 63 -12.34 3.11 -12.99
C PHE A 63 -12.76 2.22 -14.16
N ARG A 64 -13.57 2.74 -15.09
CA ARG A 64 -13.83 1.97 -16.31
C ARG A 64 -12.85 2.28 -17.43
N SER A 65 -12.02 3.32 -17.28
CA SER A 65 -11.10 3.69 -18.35
C SER A 65 -10.08 2.60 -18.62
N SER A 66 -9.60 2.52 -19.86
CA SER A 66 -8.58 1.55 -20.20
C SER A 66 -7.20 2.06 -19.80
N ASP A 67 -6.27 1.11 -19.65
CA ASP A 67 -4.87 1.45 -19.40
C ASP A 67 -4.29 2.34 -20.51
N GLU A 68 -4.86 2.30 -21.70
CA GLU A 68 -4.33 3.07 -22.83
C GLU A 68 -4.97 4.45 -22.98
N GLU A 69 -6.19 4.63 -22.46
CA GLU A 69 -6.82 5.94 -22.41
C GLU A 69 -6.19 6.80 -21.30
N LEU A 70 -6.13 6.27 -20.08
CA LEU A 70 -5.55 6.96 -18.93
C LEU A 70 -4.36 6.14 -18.43
N ASP A 71 -3.15 6.64 -18.68
CA ASP A 71 -1.91 5.90 -18.45
C ASP A 71 -1.45 6.08 -17.00
N GLN A 72 -1.27 4.96 -16.30
CA GLN A 72 -0.87 5.00 -14.90
C GLN A 72 0.61 5.33 -14.71
N ALA A 73 1.51 4.60 -15.40
CA ALA A 73 2.94 4.74 -15.08
C ALA A 73 3.44 6.16 -15.32
N GLU A 74 2.92 6.84 -16.35
CA GLU A 74 3.39 8.17 -16.64
C GLU A 74 2.92 9.21 -15.63
N ALA A 75 1.95 8.89 -14.78
CA ALA A 75 1.51 9.88 -13.81
C ALA A 75 2.39 9.93 -12.56
N TYR A 76 3.32 9.00 -12.40
CA TYR A 76 4.11 8.86 -11.17
C TYR A 76 5.59 8.98 -11.52
N PRO A 77 6.14 10.19 -11.49
CA PRO A 77 7.54 10.37 -11.93
C PRO A 77 8.57 9.67 -11.04
N PHE A 78 8.25 9.31 -9.80
CA PHE A 78 9.25 8.61 -8.97
C PHE A 78 9.47 7.17 -9.40
N MET A 79 8.63 6.62 -10.28
CA MET A 79 8.76 5.20 -10.61
C MET A 79 10.06 4.89 -11.33
N THR A 80 10.48 5.78 -12.25
CA THR A 80 11.74 5.54 -12.97
C THR A 80 12.95 5.44 -12.04
N PRO A 81 13.23 6.39 -11.15
CA PRO A 81 14.40 6.21 -10.25
C PRO A 81 14.25 5.05 -9.29
N ILE A 82 13.03 4.66 -8.95
CA ILE A 82 12.87 3.55 -8.01
C ILE A 82 13.02 2.21 -8.73
N PHE A 83 12.25 1.98 -9.80
CA PHE A 83 12.33 0.71 -10.51
C PHE A 83 13.57 0.59 -11.38
N GLY A 84 14.02 1.69 -11.98
CA GLY A 84 15.26 1.68 -12.75
C GLY A 84 15.14 2.22 -14.17
N LEU A 100 2.15 -11.92 -11.31
CA LEU A 100 1.91 -12.07 -9.88
C LEU A 100 0.93 -13.20 -9.58
N ASN A 102 -0.74 -15.44 -11.47
CA ASN A 102 -0.15 -16.65 -12.02
C ASN A 102 1.03 -17.11 -11.20
N SER A 103 1.51 -16.22 -10.33
CA SER A 103 2.61 -16.55 -9.46
C SER A 103 2.13 -16.59 -8.01
N ALA A 104 2.48 -15.55 -7.26
CA ALA A 104 2.28 -15.57 -5.83
C ALA A 104 0.80 -15.50 -5.44
N LEU A 105 -0.05 -14.89 -6.26
CA LEU A 105 -1.40 -14.57 -5.83
C LEU A 105 -2.44 -15.60 -6.26
N ARG A 106 -2.01 -16.77 -6.74
CA ARG A 106 -2.95 -17.85 -6.97
C ARG A 106 -3.48 -18.35 -5.63
N GLY A 107 -4.80 -18.59 -5.57
CA GLY A 107 -5.40 -19.04 -4.32
C GLY A 107 -4.74 -20.29 -3.77
N GLU A 108 -4.25 -21.16 -4.65
CA GLU A 108 -3.56 -22.37 -4.21
C GLU A 108 -2.33 -22.05 -3.35
N HIS A 109 -1.83 -20.81 -3.38
CA HIS A 109 -0.69 -20.44 -2.57
C HIS A 109 -1.06 -19.82 -1.23
N MET A 110 -2.33 -19.43 -1.05
CA MET A 110 -2.70 -18.63 0.12
C MET A 110 -2.40 -19.37 1.42
N LYS A 111 -2.80 -20.64 1.52
CA LYS A 111 -2.50 -21.40 2.73
C LYS A 111 -1.01 -21.33 3.07
N GLY A 112 -0.15 -21.62 2.08
CA GLY A 112 1.29 -21.54 2.35
C GLY A 112 1.70 -20.15 2.79
N HIS A 113 1.13 -19.13 2.16
CA HIS A 113 1.47 -17.76 2.53
C HIS A 113 1.06 -17.47 3.96
N ALA A 114 -0.13 -17.93 4.39
CA ALA A 114 -0.53 -17.67 5.77
C ALA A 114 0.48 -18.26 6.74
N THR A 115 1.00 -19.45 6.41
CA THR A 115 2.03 -20.07 7.25
C THR A 115 3.24 -19.18 7.31
N THR A 116 3.71 -18.71 6.13
CA THR A 116 4.84 -17.80 6.10
C THR A 116 4.57 -16.58 6.95
N ILE A 117 3.36 -16.01 6.84
CA ILE A 117 3.11 -14.76 7.55
C ILE A 117 3.14 -15.00 9.05
N GLU A 118 2.51 -16.10 9.52
CA GLU A 118 2.58 -16.42 10.95
C GLU A 118 4.04 -16.51 11.40
N ARG A 119 4.86 -17.21 10.62
CA ARG A 119 6.25 -17.38 10.98
C ARG A 119 6.95 -16.02 11.11
N GLU A 120 6.68 -15.09 10.18
CA GLU A 120 7.37 -13.81 10.27
C GLU A 120 6.89 -13.01 11.46
N VAL A 121 5.58 -13.08 11.78
CA VAL A 121 5.14 -12.37 12.98
C VAL A 121 5.83 -12.96 14.20
N HIS A 122 5.94 -14.29 14.25
CA HIS A 122 6.63 -14.91 15.38
C HIS A 122 8.06 -14.40 15.48
N ARG A 123 8.73 -14.30 14.33
CA ARG A 123 10.11 -13.84 14.38
C ARG A 123 10.21 -12.39 14.85
N MET A 124 9.23 -11.55 14.47
CA MET A 124 9.30 -10.15 14.90
C MET A 124 9.10 -10.01 16.41
N ILE A 125 8.35 -10.92 17.04
CA ILE A 125 8.04 -10.74 18.45
C ILE A 125 8.80 -11.74 19.32
N GLU A 126 9.69 -12.53 18.73
CA GLU A 126 10.53 -13.50 19.43
C GLU A 126 11.06 -13.01 20.77
N ASN A 127 11.59 -11.79 20.77
CA ASN A 127 12.32 -11.25 21.92
C ASN A 127 11.53 -10.18 22.66
N TRP A 128 10.21 -10.11 22.44
CA TRP A 128 9.40 -9.10 23.10
C TRP A 128 9.36 -9.31 24.61
N GLY A 129 9.30 -10.56 25.06
CA GLY A 129 9.26 -10.81 26.49
C GLY A 129 7.90 -10.49 27.07
N GLN A 130 7.90 -10.13 28.37
CA GLN A 130 6.65 -9.97 29.11
C GLN A 130 5.96 -8.64 28.81
N GLU A 131 6.71 -7.57 28.65
CA GLU A 131 6.09 -6.26 28.52
C GLU A 131 7.06 -5.34 27.82
N GLY A 132 6.52 -4.31 27.19
CA GLY A 132 7.38 -3.35 26.53
C GLY A 132 6.58 -2.40 25.67
N GLU A 133 7.33 -1.63 24.88
CA GLU A 133 6.75 -0.62 24.00
C GLU A 133 7.38 -0.74 22.63
N ILE A 134 6.60 -0.46 21.59
CA ILE A 134 7.11 -0.46 20.23
C ILE A 134 6.68 0.80 19.49
N ASP A 135 7.48 1.12 18.49
CA ASP A 135 7.14 2.12 17.49
C ASP A 135 6.39 1.42 16.36
N LEU A 136 5.14 1.84 16.10
CA LEU A 136 4.29 1.15 15.11
C LEU A 136 4.88 1.22 13.71
N LEU A 137 5.40 2.38 13.32
CA LEU A 137 6.03 2.54 12.01
C LEU A 137 7.09 1.47 11.76
N GLU A 138 8.12 1.41 12.61
N GLU A 138 8.11 1.41 12.63
CA GLU A 138 9.21 0.47 12.37
CA GLU A 138 9.22 0.47 12.42
C GLU A 138 8.73 -0.98 12.41
C GLU A 138 8.71 -0.97 12.41
N PHE A 139 7.86 -1.31 13.38
CA PHE A 139 7.43 -2.69 13.56
C PHE A 139 6.72 -3.21 12.32
N PHE A 140 5.66 -2.51 11.89
CA PHE A 140 4.92 -3.07 10.77
C PHE A 140 5.67 -2.89 9.43
N ALA A 141 6.50 -1.84 9.28
CA ALA A 141 7.28 -1.73 8.04
C ALA A 141 8.25 -2.90 7.90
N GLU A 142 8.98 -3.25 8.96
CA GLU A 142 9.94 -4.35 8.87
C GLU A 142 9.24 -5.68 8.69
N LEU A 143 8.21 -5.93 9.51
CA LEU A 143 7.44 -7.15 9.37
C LEU A 143 6.99 -7.36 7.93
N THR A 144 6.46 -6.30 7.30
CA THR A 144 5.94 -6.48 5.94
C THR A 144 7.03 -6.49 4.87
N ILE A 145 8.23 -5.97 5.15
CA ILE A 145 9.36 -6.30 4.28
C ILE A 145 9.50 -7.81 4.18
N TYR A 146 9.47 -8.50 5.33
CA TYR A 146 9.75 -9.93 5.26
C TYR A 146 8.56 -10.72 4.70
N THR A 147 7.33 -10.34 5.05
CA THR A 147 6.19 -11.04 4.48
C THR A 147 6.12 -10.83 2.97
N SER A 148 6.38 -9.59 2.53
CA SER A 148 6.30 -9.26 1.11
C SER A 148 7.37 -9.99 0.31
N THR A 149 8.63 -9.96 0.75
CA THR A 149 9.66 -10.63 -0.01
C THR A 149 9.42 -12.14 -0.03
N SER A 150 9.01 -12.72 1.10
CA SER A 150 8.84 -14.16 1.15
C SER A 150 7.67 -14.62 0.29
N CYS A 151 6.51 -13.97 0.41
CA CYS A 151 5.34 -14.42 -0.33
C CYS A 151 5.41 -14.05 -1.81
N LEU A 152 5.97 -12.87 -2.13
CA LEU A 152 5.89 -12.33 -3.49
C LEU A 152 7.12 -12.63 -4.35
N ILE A 153 8.28 -12.91 -3.74
CA ILE A 153 9.47 -13.29 -4.46
C ILE A 153 9.87 -14.73 -4.16
N GLY A 154 9.83 -15.13 -2.91
CA GLY A 154 10.13 -16.49 -2.51
C GLY A 154 10.82 -16.53 -1.16
N THR A 155 10.62 -17.65 -0.46
CA THR A 155 11.23 -17.84 0.86
C THR A 155 12.75 -18.01 0.75
N LYS A 156 13.22 -18.71 -0.28
CA LYS A 156 14.67 -18.89 -0.47
C LYS A 156 15.37 -17.53 -0.62
N PHE A 157 14.76 -16.60 -1.36
CA PHE A 157 15.37 -15.29 -1.53
C PHE A 157 15.27 -14.47 -0.26
N ARG A 158 14.09 -14.48 0.38
CA ARG A 158 13.92 -13.69 1.59
C ARG A 158 14.88 -14.15 2.67
N ASN A 159 15.14 -15.46 2.73
CA ASN A 159 16.08 -15.97 3.74
C ASN A 159 17.48 -15.39 3.56
N GLN A 160 17.81 -14.92 2.37
CA GLN A 160 19.13 -14.34 2.11
C GLN A 160 19.15 -12.82 2.26
N LEU A 161 18.07 -12.23 2.77
CA LEU A 161 17.97 -10.81 3.09
C LEU A 161 18.13 -10.56 4.58
N ASP A 162 18.53 -9.34 4.93
CA ASP A 162 18.55 -8.89 6.32
C ASP A 162 18.08 -7.43 6.39
N SER A 163 18.26 -6.82 7.56
CA SER A 163 17.73 -5.49 7.81
C SER A 163 18.29 -4.45 6.86
N ARG A 164 19.50 -4.66 6.30
CA ARG A 164 20.05 -3.72 5.32
C ARG A 164 19.12 -3.55 4.13
N PHE A 165 18.53 -4.67 3.67
CA PHE A 165 17.53 -4.60 2.60
C PHE A 165 16.30 -3.81 3.03
N ALA A 166 15.79 -4.09 4.24
CA ALA A 166 14.63 -3.37 4.76
C ALA A 166 14.87 -1.86 4.79
N HIS A 167 16.05 -1.44 5.26
N HIS A 167 16.05 -1.43 5.24
CA HIS A 167 16.34 -0.01 5.42
CA HIS A 167 16.29 0.00 5.43
C HIS A 167 16.48 0.69 4.06
C HIS A 167 16.50 0.71 4.08
N PHE A 168 17.19 0.06 3.12
CA PHE A 168 17.27 0.61 1.76
C PHE A 168 15.89 0.74 1.11
N TYR A 169 15.08 -0.32 1.20
CA TYR A 169 13.76 -0.26 0.61
C TYR A 169 12.95 0.89 1.21
N HIS A 170 13.05 1.08 2.53
CA HIS A 170 12.39 2.19 3.18
C HIS A 170 12.81 3.51 2.53
N GLU A 171 14.12 3.68 2.29
CA GLU A 171 14.57 4.94 1.71
C GLU A 171 14.04 5.13 0.28
N LEU A 172 13.80 4.03 -0.42
CA LEU A 172 13.11 4.11 -1.71
C LEU A 172 11.73 4.75 -1.55
N GLU A 173 10.94 4.23 -0.61
CA GLU A 173 9.62 4.79 -0.37
C GLU A 173 9.70 6.26 0.05
N ARG A 174 10.71 6.61 0.85
CA ARG A 174 10.85 8.02 1.24
C ARG A 174 11.34 8.90 0.10
N GLY A 175 11.75 8.30 -1.02
CA GLY A 175 12.15 9.06 -2.19
C GLY A 175 11.00 9.47 -3.10
N THR A 176 9.77 9.56 -2.56
CA THR A 176 8.58 9.86 -3.37
C THR A 176 7.97 11.23 -3.08
N ASP A 177 8.77 12.21 -2.65
CA ASP A 177 8.28 13.58 -2.47
C ASP A 177 7.59 14.07 -3.74
N PRO A 178 6.39 14.68 -3.65
CA PRO A 178 5.75 15.27 -4.85
C PRO A 178 6.60 16.30 -5.60
N LEU A 179 7.73 16.75 -5.04
CA LEU A 179 8.66 17.56 -5.82
C LEU A 179 9.17 16.83 -7.06
N CYS A 180 8.89 15.52 -7.18
CA CYS A 180 9.27 14.82 -8.39
C CYS A 180 8.50 15.32 -9.61
N TYR A 181 7.36 16.01 -9.42
CA TYR A 181 6.64 16.61 -10.55
C TYR A 181 7.36 17.84 -11.11
N VAL A 182 8.19 18.51 -10.29
CA VAL A 182 9.16 19.46 -10.83
C VAL A 182 10.25 18.70 -11.58
N ASP A 183 10.91 17.75 -10.90
CA ASP A 183 11.96 16.93 -11.45
C ASP A 183 12.19 15.71 -10.57
N PRO A 184 12.03 14.49 -11.11
CA PRO A 184 12.26 13.28 -10.31
C PRO A 184 13.69 13.12 -9.85
N TYR A 185 14.61 13.87 -10.43
CA TYR A 185 16.02 13.89 -10.04
C TYR A 185 16.43 15.26 -9.53
N LEU A 186 15.48 16.04 -9.02
CA LEU A 186 15.80 17.27 -8.30
C LEU A 186 16.91 17.01 -7.30
N PRO A 187 17.94 17.87 -7.21
CA PRO A 187 19.05 17.59 -6.28
C PRO A 187 18.67 17.85 -4.82
N ILE A 188 17.76 17.04 -4.31
N ILE A 188 17.71 17.08 -4.29
CA ILE A 188 17.25 17.15 -2.94
CA ILE A 188 17.30 17.23 -2.90
C ILE A 188 17.76 15.94 -2.14
C ILE A 188 17.71 15.96 -2.14
N GLU A 189 17.82 16.10 -0.82
CA GLU A 189 18.45 15.06 0.01
C GLU A 189 17.71 13.73 -0.05
N SER A 190 16.38 13.76 -0.01
CA SER A 190 15.62 12.51 -0.03
C SER A 190 15.75 11.80 -1.38
N PHE A 191 15.95 12.55 -2.46
CA PHE A 191 16.17 11.92 -3.78
C PHE A 191 17.57 11.32 -3.89
N ARG A 192 18.57 12.01 -3.33
CA ARG A 192 19.91 11.44 -3.27
C ARG A 192 19.93 10.16 -2.46
N ARG A 193 19.26 10.17 -1.31
CA ARG A 193 19.21 8.99 -0.46
C ARG A 193 18.49 7.85 -1.17
N ARG A 194 17.37 8.16 -1.82
CA ARG A 194 16.67 7.19 -2.66
C ARG A 194 17.61 6.51 -3.67
N ASP A 195 18.37 7.32 -4.42
CA ASP A 195 19.16 6.74 -5.50
C ASP A 195 20.35 5.94 -4.95
N GLU A 196 20.93 6.42 -3.85
CA GLU A 196 21.95 5.63 -3.15
C GLU A 196 21.37 4.32 -2.61
N ALA A 197 20.14 4.37 -2.09
CA ALA A 197 19.52 3.16 -1.57
C ALA A 197 19.28 2.15 -2.68
N ARG A 198 18.85 2.61 -3.85
CA ARG A 198 18.67 1.66 -4.94
C ARG A 198 20.01 1.02 -5.31
N LYS A 199 21.09 1.80 -5.31
CA LYS A 199 22.41 1.21 -5.56
C LYS A 199 22.78 0.18 -4.49
N GLY A 200 22.47 0.48 -3.22
CA GLY A 200 22.78 -0.47 -2.16
C GLY A 200 22.00 -1.78 -2.31
N LEU A 201 20.74 -1.68 -2.76
CA LEU A 201 19.95 -2.88 -3.01
C LEU A 201 20.51 -3.66 -4.20
N VAL A 202 20.93 -2.97 -5.27
CA VAL A 202 21.57 -3.69 -6.37
C VAL A 202 22.79 -4.45 -5.88
N ALA A 203 23.57 -3.85 -4.99
CA ALA A 203 24.78 -4.54 -4.51
C ALA A 203 24.42 -5.79 -3.69
N LEU A 204 23.43 -5.67 -2.80
CA LEU A 204 23.00 -6.84 -2.03
C LEU A 204 22.55 -7.96 -2.98
N VAL A 205 21.73 -7.60 -3.98
CA VAL A 205 21.21 -8.59 -4.91
C VAL A 205 22.35 -9.21 -5.73
N GLN A 206 23.35 -8.40 -6.10
CA GLN A 206 24.48 -8.88 -6.90
C GLN A 206 25.25 -9.97 -6.16
N ASP A 207 25.53 -9.76 -4.87
CA ASP A 207 26.19 -10.79 -4.08
C ASP A 207 25.36 -12.08 -4.02
N ILE A 208 24.06 -11.93 -3.76
CA ILE A 208 23.19 -13.10 -3.75
C ILE A 208 23.24 -13.83 -5.10
N MET A 209 23.19 -13.09 -6.21
CA MET A 209 23.21 -13.71 -7.54
C MET A 209 24.53 -14.43 -7.80
N HIS A 210 25.64 -13.84 -7.36
N HIS A 210 25.65 -13.81 -7.42
CA HIS A 210 26.93 -14.53 -7.43
CA HIS A 210 26.94 -14.48 -7.50
C HIS A 210 26.85 -15.89 -6.75
C HIS A 210 26.87 -15.85 -6.82
N GLN A 211 26.32 -15.92 -5.52
N GLN A 211 26.35 -15.87 -5.59
CA GLN A 211 26.21 -17.18 -4.79
CA GLN A 211 26.22 -17.13 -4.86
C GLN A 211 25.24 -18.15 -5.47
C GLN A 211 25.32 -18.12 -5.60
N ARG A 212 24.19 -17.64 -6.13
CA ARG A 212 23.24 -18.54 -6.81
C ARG A 212 23.87 -19.18 -8.04
N VAL A 213 24.62 -18.40 -8.82
CA VAL A 213 25.27 -18.98 -10.00
C VAL A 213 26.33 -19.98 -9.57
N ALA A 214 27.00 -19.72 -8.44
CA ALA A 214 27.93 -20.73 -7.95
C ALA A 214 27.25 -22.04 -7.54
N ASN A 215 25.98 -22.00 -7.12
CA ASN A 215 25.31 -23.16 -6.50
C ASN A 215 23.95 -23.40 -7.11
N PRO A 216 23.87 -23.67 -8.40
CA PRO A 216 22.57 -23.91 -9.01
C PRO A 216 21.97 -25.19 -8.44
N PRO A 217 20.69 -25.18 -8.11
CA PRO A 217 20.08 -26.38 -7.52
C PRO A 217 20.27 -27.59 -8.41
N THR A 218 20.66 -28.71 -7.79
CA THR A 218 20.65 -29.97 -8.49
C THR A 218 19.27 -30.59 -8.51
N ASP A 219 18.37 -30.16 -7.61
CA ASP A 219 17.01 -30.62 -7.57
C ASP A 219 16.11 -29.47 -7.98
N LYS A 220 15.26 -29.69 -8.99
CA LYS A 220 14.40 -28.62 -9.50
C LYS A 220 13.41 -28.12 -8.46
N ARG A 221 13.14 -28.93 -7.43
CA ARG A 221 12.28 -28.48 -6.34
C ARG A 221 12.90 -27.35 -5.52
N ASP A 222 14.22 -27.21 -5.56
CA ASP A 222 14.91 -26.17 -4.80
C ASP A 222 15.04 -24.87 -5.58
N ARG A 223 14.62 -24.83 -6.84
CA ARG A 223 14.74 -23.62 -7.66
C ARG A 223 13.64 -22.63 -7.29
N ASP A 224 14.02 -21.36 -7.12
CA ASP A 224 13.06 -20.28 -6.96
C ASP A 224 13.14 -19.35 -8.18
N MET A 225 12.40 -18.25 -8.13
CA MET A 225 12.35 -17.33 -9.26
C MET A 225 13.74 -16.78 -9.62
N LEU A 226 14.58 -16.52 -8.61
CA LEU A 226 15.93 -16.01 -8.89
C LEU A 226 16.81 -17.06 -9.57
N ASP A 227 16.71 -18.33 -9.15
CA ASP A 227 17.48 -19.37 -9.82
C ASP A 227 17.14 -19.41 -11.30
N VAL A 228 15.84 -19.42 -11.60
CA VAL A 228 15.39 -19.38 -13.00
C VAL A 228 15.99 -18.16 -13.71
N LEU A 229 15.84 -16.98 -13.10
CA LEU A 229 16.31 -15.75 -13.75
C LEU A 229 17.80 -15.80 -14.05
N VAL A 230 18.63 -16.20 -13.08
CA VAL A 230 20.06 -16.21 -13.35
C VAL A 230 20.45 -17.32 -14.31
N SER A 231 19.57 -18.31 -14.56
CA SER A 231 19.91 -19.31 -15.57
C SER A 231 19.64 -18.85 -17.00
N ILE A 232 18.86 -17.77 -17.20
CA ILE A 232 18.42 -17.40 -18.54
C ILE A 232 19.61 -16.94 -19.38
N THR A 233 19.61 -17.35 -20.65
CA THR A 233 20.71 -17.09 -21.58
C THR A 233 20.25 -16.20 -22.73
N ASP A 234 21.17 -15.37 -23.23
CA ASP A 234 20.92 -14.56 -24.42
C ASP A 234 21.49 -15.29 -25.65
N GLU A 235 21.30 -14.69 -26.83
CA GLU A 235 21.63 -15.34 -28.10
C GLU A 235 23.10 -15.71 -28.21
N GLN A 236 23.97 -15.02 -27.48
CA GLN A 236 25.38 -15.38 -27.40
C GLN A 236 25.70 -16.28 -26.19
N GLY A 237 24.69 -16.77 -25.48
CA GLY A 237 24.89 -17.69 -24.36
C GLY A 237 25.29 -17.04 -23.05
N ASN A 238 25.11 -15.74 -22.91
CA ASN A 238 25.51 -14.99 -21.73
C ASN A 238 24.30 -14.61 -20.88
N PRO A 239 24.52 -14.33 -19.58
CA PRO A 239 23.38 -13.99 -18.71
C PRO A 239 22.53 -12.86 -19.27
N ARG A 240 21.25 -13.15 -19.52
N ARG A 240 21.25 -13.14 -19.50
CA ARG A 240 20.35 -12.13 -20.04
CA ARG A 240 20.36 -12.11 -20.05
C ARG A 240 20.15 -11.00 -19.03
C ARG A 240 20.07 -11.01 -19.03
N PHE A 241 20.11 -11.33 -17.74
CA PHE A 241 19.75 -10.38 -16.69
C PHE A 241 20.92 -10.07 -15.77
N CYS A 242 21.21 -8.77 -15.61
CA CYS A 242 22.18 -8.31 -14.62
C CYS A 242 21.47 -7.95 -13.32
N ALA A 243 22.28 -7.65 -12.29
CA ALA A 243 21.73 -7.36 -10.97
C ALA A 243 20.82 -6.14 -11.00
N ASP A 244 21.09 -5.17 -11.87
CA ASP A 244 20.26 -3.97 -11.92
C ASP A 244 18.84 -4.32 -12.37
N GLU A 245 18.71 -5.13 -13.41
CA GLU A 245 17.38 -5.51 -13.89
C GLU A 245 16.67 -6.42 -12.91
N VAL A 246 17.40 -7.35 -12.29
CA VAL A 246 16.79 -8.25 -11.31
C VAL A 246 16.28 -7.45 -10.12
N THR A 247 17.10 -6.54 -9.60
CA THR A 247 16.69 -5.69 -8.50
C THR A 247 15.44 -4.90 -8.88
N GLY A 248 15.42 -4.32 -10.09
CA GLY A 248 14.24 -3.56 -10.51
C GLY A 248 12.99 -4.41 -10.57
N MET A 249 13.11 -5.62 -11.12
CA MET A 249 11.99 -6.54 -11.16
C MET A 249 11.47 -6.86 -9.76
N PHE A 250 12.38 -7.15 -8.82
CA PHE A 250 11.93 -7.53 -7.48
C PHE A 250 11.30 -6.36 -6.73
N ILE A 251 11.88 -5.17 -6.89
CA ILE A 251 11.27 -3.97 -6.32
C ILE A 251 9.85 -3.82 -6.84
N SER A 252 9.65 -3.97 -8.16
CA SER A 252 8.31 -3.79 -8.72
C SER A 252 7.37 -4.89 -8.28
N LEU A 253 7.89 -6.11 -8.04
CA LEU A 253 7.03 -7.19 -7.57
C LEU A 253 6.43 -6.87 -6.21
N MET A 254 7.18 -6.18 -5.35
CA MET A 254 6.66 -5.91 -3.99
C MET A 254 6.23 -4.46 -3.72
N PHE A 255 6.41 -3.54 -4.67
CA PHE A 255 6.13 -2.14 -4.36
C PHE A 255 4.65 -1.90 -4.11
N ALA A 256 3.78 -2.57 -4.85
CA ALA A 256 2.35 -2.40 -4.59
C ALA A 256 1.93 -3.02 -3.26
N GLY A 257 2.71 -3.93 -2.70
CA GLY A 257 2.25 -4.63 -1.51
C GLY A 257 2.80 -4.11 -0.20
N HIS A 258 3.99 -3.50 -0.24
CA HIS A 258 4.64 -3.23 1.04
C HIS A 258 4.02 -2.05 1.79
N HIS A 259 4.05 -0.85 1.19
CA HIS A 259 3.62 0.30 2.00
C HIS A 259 2.14 0.20 2.35
N THR A 260 1.35 -0.38 1.44
CA THR A 260 -0.07 -0.57 1.71
C THR A 260 -0.31 -1.52 2.87
N SER A 261 0.35 -2.71 2.86
CA SER A 261 0.18 -3.64 3.99
C SER A 261 0.73 -3.05 5.30
N SER A 262 1.88 -2.39 5.25
CA SER A 262 2.48 -1.80 6.45
C SER A 262 1.54 -0.76 7.08
N GLY A 263 1.12 0.23 6.28
CA GLY A 263 0.21 1.25 6.80
C GLY A 263 -1.10 0.67 7.29
N THR A 264 -1.67 -0.29 6.54
CA THR A 264 -2.98 -0.81 6.89
C THR A 264 -2.91 -1.65 8.15
N SER A 265 -1.84 -2.43 8.33
CA SER A 265 -1.66 -3.17 9.58
C SER A 265 -1.54 -2.23 10.77
N ALA A 266 -0.69 -1.20 10.66
CA ALA A 266 -0.56 -0.22 11.75
C ALA A 266 -1.90 0.42 12.10
N TRP A 267 -2.65 0.87 11.08
CA TRP A 267 -3.90 1.56 11.36
C TRP A 267 -4.98 0.62 11.86
N THR A 268 -4.90 -0.67 11.50
CA THR A 268 -5.83 -1.64 12.06
C THR A 268 -5.62 -1.75 13.56
N LEU A 269 -4.37 -1.87 13.98
CA LEU A 269 -4.10 -1.90 15.42
C LEU A 269 -4.53 -0.58 16.09
N ILE A 270 -4.25 0.57 15.46
CA ILE A 270 -4.64 1.85 16.05
C ILE A 270 -6.15 1.91 16.24
N GLU A 271 -6.91 1.57 15.21
CA GLU A 271 -8.37 1.66 15.32
C GLU A 271 -8.93 0.66 16.33
N LEU A 272 -8.30 -0.52 16.46
CA LEU A 272 -8.67 -1.42 17.54
C LEU A 272 -8.46 -0.77 18.90
N LEU A 273 -7.34 -0.08 19.09
CA LEU A 273 -7.07 0.55 20.40
C LEU A 273 -7.95 1.75 20.65
N ARG A 274 -8.33 2.50 19.61
CA ARG A 274 -9.24 3.63 19.78
C ARG A 274 -10.66 3.17 20.08
N HIS A 275 -10.96 1.90 19.85
CA HIS A 275 -12.33 1.39 19.96
C HIS A 275 -12.33 0.09 20.73
N PRO A 276 -12.12 0.16 22.04
CA PRO A 276 -11.90 -1.05 22.85
C PRO A 276 -13.08 -2.02 22.85
N ASP A 277 -14.30 -1.58 22.53
CA ASP A 277 -15.38 -2.54 22.39
C ASP A 277 -15.18 -3.41 21.15
N ALA A 278 -14.74 -2.81 20.04
CA ALA A 278 -14.39 -3.59 18.86
C ALA A 278 -13.17 -4.47 19.12
N TYR A 279 -12.16 -3.95 19.82
CA TYR A 279 -11.02 -4.76 20.21
C TYR A 279 -11.47 -6.00 21.01
N ALA A 280 -12.33 -5.78 22.01
CA ALA A 280 -12.81 -6.89 22.84
C ALA A 280 -13.57 -7.91 22.01
N ALA A 281 -14.42 -7.44 21.09
CA ALA A 281 -15.19 -8.40 20.31
C ALA A 281 -14.28 -9.20 19.39
N VAL A 282 -13.28 -8.55 18.80
CA VAL A 282 -12.35 -9.23 17.92
C VAL A 282 -11.58 -10.31 18.68
N ILE A 283 -11.11 -9.96 19.89
CA ILE A 283 -10.37 -10.92 20.71
C ILE A 283 -11.23 -12.09 21.11
N ASP A 284 -12.46 -11.80 21.57
CA ASP A 284 -13.35 -12.88 21.95
C ASP A 284 -13.58 -13.82 20.79
N GLU A 285 -13.77 -13.25 19.58
CA GLU A 285 -14.00 -14.09 18.40
C GLU A 285 -12.76 -14.90 18.05
N LEU A 286 -11.57 -14.30 18.13
CA LEU A 286 -10.35 -15.03 17.80
C LEU A 286 -10.12 -16.16 18.77
N ASP A 287 -10.29 -15.91 20.07
CA ASP A 287 -10.07 -16.96 21.06
C ASP A 287 -11.04 -18.12 20.81
N GLU A 288 -12.31 -17.80 20.53
CA GLU A 288 -13.30 -18.84 20.32
C GLU A 288 -13.06 -19.59 19.00
N LEU A 289 -12.65 -18.89 17.95
CA LEU A 289 -12.34 -19.54 16.67
C LEU A 289 -11.16 -20.49 16.84
N TYR A 290 -10.03 -20.00 17.35
CA TYR A 290 -8.85 -20.85 17.46
C TYR A 290 -8.97 -21.89 18.56
N ALA A 291 -10.03 -21.87 19.38
CA ALA A 291 -10.25 -22.98 20.32
C ALA A 291 -10.51 -24.32 19.65
N ASP A 292 -10.70 -24.37 18.33
CA ASP A 292 -10.82 -25.67 17.68
C ASP A 292 -9.47 -26.29 17.39
N GLY A 293 -8.36 -25.62 17.73
CA GLY A 293 -7.03 -26.15 17.53
C GLY A 293 -6.55 -26.13 16.09
N GLN A 294 -7.33 -25.62 15.16
CA GLN A 294 -6.88 -25.45 13.79
C GLN A 294 -5.90 -24.27 13.70
N PRO A 295 -4.91 -24.35 12.82
CA PRO A 295 -3.84 -23.36 12.79
C PRO A 295 -4.23 -22.09 12.03
N VAL A 296 -3.26 -21.16 11.98
CA VAL A 296 -3.51 -19.89 11.30
C VAL A 296 -3.73 -20.13 9.82
N SER A 297 -2.99 -21.07 9.22
CA SER A 297 -3.16 -21.35 7.79
C SER A 297 -4.56 -21.86 7.47
N PHE A 298 -5.30 -22.31 8.48
CA PHE A 298 -6.71 -22.67 8.33
C PHE A 298 -7.61 -21.46 8.53
N HIS A 299 -7.55 -20.83 9.71
CA HIS A 299 -8.51 -19.78 10.05
C HIS A 299 -8.32 -18.51 9.21
N ALA A 300 -7.06 -18.11 8.95
CA ALA A 300 -6.79 -16.90 8.16
C ALA A 300 -7.37 -16.97 6.75
N LEU A 301 -7.76 -18.16 6.30
CA LEU A 301 -8.32 -18.35 4.96
C LEU A 301 -9.83 -18.52 4.98
N ARG A 302 -10.44 -18.50 6.16
CA ARG A 302 -11.88 -18.59 6.33
C ARG A 302 -12.38 -17.33 7.04
N GLN A 303 -13.66 -17.32 7.41
CA GLN A 303 -14.28 -16.09 7.90
C GLN A 303 -13.83 -15.78 9.31
N ILE A 304 -13.40 -14.54 9.52
CA ILE A 304 -13.22 -13.96 10.85
C ILE A 304 -14.00 -12.65 10.86
N PRO A 305 -15.32 -12.72 11.09
CA PRO A 305 -16.20 -11.60 10.70
C PRO A 305 -15.88 -10.27 11.32
N ARG A 306 -15.67 -10.22 12.64
CA ARG A 306 -15.51 -8.93 13.31
C ARG A 306 -14.17 -8.31 12.95
N LEU A 307 -13.12 -9.11 12.84
CA LEU A 307 -11.84 -8.60 12.38
C LEU A 307 -11.93 -8.09 10.94
N GLU A 308 -12.62 -8.84 10.07
CA GLU A 308 -12.79 -8.41 8.68
C GLU A 308 -13.50 -7.07 8.58
N ASN A 309 -14.54 -6.86 9.40
CA ASN A 309 -15.26 -5.59 9.34
C ASN A 309 -14.44 -4.45 9.94
N VAL A 310 -13.69 -4.72 11.02
CA VAL A 310 -12.72 -3.73 11.50
C VAL A 310 -11.73 -3.35 10.40
N LEU A 311 -11.28 -4.32 9.62
CA LEU A 311 -10.31 -4.03 8.56
C LEU A 311 -10.97 -3.21 7.45
N LYS A 312 -12.18 -3.57 7.05
CA LYS A 312 -12.89 -2.78 6.04
C LYS A 312 -13.07 -1.35 6.50
N GLU A 313 -13.40 -1.15 7.78
CA GLU A 313 -13.65 0.21 8.24
C GLU A 313 -12.35 0.99 8.42
N THR A 314 -11.29 0.31 8.85
CA THR A 314 -9.96 0.93 8.84
C THR A 314 -9.57 1.37 7.42
N LEU A 315 -9.81 0.51 6.42
CA LEU A 315 -9.49 0.88 5.04
C LEU A 315 -10.33 2.06 4.57
N ARG A 316 -11.60 2.12 4.98
CA ARG A 316 -12.45 3.24 4.59
C ARG A 316 -11.89 4.55 5.16
N LEU A 317 -11.58 4.57 6.45
CA LEU A 317 -11.12 5.80 7.09
C LEU A 317 -9.67 6.16 6.77
N HIS A 318 -8.81 5.16 6.52
CA HIS A 318 -7.38 5.38 6.34
C HIS A 318 -6.88 4.64 5.10
N PRO A 319 -7.42 4.92 3.93
CA PRO A 319 -6.96 4.22 2.73
C PRO A 319 -5.50 4.54 2.45
N PRO A 320 -4.64 3.53 2.29
CA PRO A 320 -3.19 3.80 2.12
C PRO A 320 -2.85 4.52 0.83
N LEU A 321 -3.68 4.41 -0.19
CA LEU A 321 -3.51 5.18 -1.40
C LEU A 321 -4.60 6.24 -1.35
N ILE A 322 -4.22 7.48 -1.10
CA ILE A 322 -5.20 8.55 -0.93
C ILE A 322 -5.58 9.18 -2.27
N ILE A 323 -4.78 8.95 -3.31
CA ILE A 323 -5.07 9.47 -4.65
C ILE A 323 -4.54 8.46 -5.65
N LEU A 324 -5.27 8.29 -6.76
CA LEU A 324 -4.90 7.42 -7.86
C LEU A 324 -4.84 8.28 -9.12
N MET A 325 -3.68 8.30 -9.78
CA MET A 325 -3.42 9.25 -10.84
C MET A 325 -3.18 8.55 -12.18
N ARG A 326 -3.45 9.29 -13.26
CA ARG A 326 -3.32 8.83 -14.64
C ARG A 326 -2.95 10.03 -15.52
N VAL A 327 -2.34 9.75 -16.66
CA VAL A 327 -2.11 10.76 -17.69
C VAL A 327 -3.05 10.48 -18.85
N ALA A 328 -3.86 11.46 -19.21
CA ALA A 328 -4.78 11.29 -20.33
C ALA A 328 -4.01 11.19 -21.64
N LYS A 329 -4.28 10.13 -22.42
CA LYS A 329 -3.65 9.95 -23.72
C LYS A 329 -4.59 10.28 -24.87
N GLY A 330 -5.50 11.23 -24.65
CA GLY A 330 -6.49 11.60 -25.64
C GLY A 330 -7.45 12.59 -25.03
N GLU A 331 -8.43 12.99 -25.82
CA GLU A 331 -9.48 13.89 -25.36
C GLU A 331 -10.64 13.08 -24.80
N PHE A 332 -11.15 13.49 -23.64
CA PHE A 332 -12.28 12.80 -23.02
C PHE A 332 -13.27 13.84 -22.52
N GLN A 333 -14.45 13.35 -22.16
CA GLN A 333 -15.47 14.16 -21.51
C GLN A 333 -16.05 13.41 -20.31
N VAL A 334 -16.23 14.13 -19.21
CA VAL A 334 -16.79 13.58 -17.97
C VAL A 334 -17.77 14.60 -17.41
N GLU A 335 -19.03 14.21 -17.31
CA GLU A 335 -20.10 15.06 -16.76
C GLU A 335 -20.15 16.42 -17.47
N GLY A 336 -19.86 16.42 -18.77
CA GLY A 336 -19.89 17.63 -19.56
C GLY A 336 -18.62 18.45 -19.52
N TYR A 337 -17.59 17.96 -18.88
CA TYR A 337 -16.34 18.70 -18.82
C TYR A 337 -15.28 18.02 -19.67
N PRO A 338 -14.45 18.77 -20.37
CA PRO A 338 -13.38 18.14 -21.14
C PRO A 338 -12.17 17.81 -20.28
N ILE A 339 -11.49 16.75 -20.68
CA ILE A 339 -10.14 16.45 -20.24
C ILE A 339 -9.28 16.43 -21.50
N HIS A 340 -8.19 17.19 -21.48
CA HIS A 340 -7.34 17.29 -22.67
C HIS A 340 -6.15 16.34 -22.57
N GLU A 341 -5.66 15.93 -23.75
CA GLU A 341 -4.47 15.10 -23.81
C GLU A 341 -3.36 15.71 -22.98
N GLY A 342 -2.64 14.87 -22.24
CA GLY A 342 -1.56 15.33 -21.41
C GLY A 342 -1.98 15.80 -20.03
N GLU A 343 -3.24 16.15 -19.84
CA GLU A 343 -3.70 16.47 -18.49
C GLU A 343 -3.72 15.21 -17.63
N LEU A 344 -3.54 15.39 -16.32
CA LEU A 344 -3.64 14.26 -15.41
C LEU A 344 -5.07 14.15 -14.92
N VAL A 345 -5.47 12.92 -14.61
CA VAL A 345 -6.81 12.58 -14.12
C VAL A 345 -6.63 11.77 -12.85
N ALA A 346 -7.43 12.05 -11.82
CA ALA A 346 -7.24 11.42 -10.53
C ALA A 346 -8.57 11.13 -9.87
N ALA A 347 -8.59 10.03 -9.13
CA ALA A 347 -9.66 9.70 -8.21
C ALA A 347 -9.06 9.64 -6.82
N SER A 348 -9.89 9.83 -5.79
CA SER A 348 -9.38 9.92 -4.42
C SER A 348 -10.16 9.02 -3.45
N PRO A 349 -9.59 7.88 -3.05
CA PRO A 349 -10.25 7.07 -2.03
C PRO A 349 -10.40 7.79 -0.72
N ALA A 350 -9.43 8.65 -0.36
CA ALA A 350 -9.53 9.43 0.87
C ALA A 350 -10.82 10.23 0.93
N ILE A 351 -11.15 10.92 -0.16
CA ILE A 351 -12.36 11.73 -0.24
C ILE A 351 -13.59 10.85 -0.50
N SER A 352 -13.51 9.97 -1.49
CA SER A 352 -14.65 9.16 -1.89
C SER A 352 -15.21 8.34 -0.74
N ASN A 353 -14.32 7.69 0.03
CA ASN A 353 -14.74 6.80 1.11
C ASN A 353 -15.57 7.51 2.19
N ARG A 354 -15.65 8.84 2.17
CA ARG A 354 -16.38 9.56 3.22
C ARG A 354 -17.57 10.35 2.69
N ILE A 355 -18.05 10.02 1.50
CA ILE A 355 -19.22 10.69 0.95
C ILE A 355 -20.42 10.39 1.85
N ALA A 356 -20.97 11.44 2.47
CA ALA A 356 -21.95 11.25 3.55
C ALA A 356 -23.20 10.50 3.07
N GLU A 357 -23.67 10.79 1.86
CA GLU A 357 -24.89 10.13 1.40
C GLU A 357 -24.71 8.63 1.24
N ASP A 358 -23.47 8.16 1.07
CA ASP A 358 -23.20 6.73 0.96
C ASP A 358 -22.77 6.10 2.27
N PHE A 359 -22.10 6.86 3.11
CA PHE A 359 -21.52 6.32 4.34
C PHE A 359 -22.01 7.23 5.47
N PRO A 360 -23.19 6.95 6.03
CA PRO A 360 -23.74 7.79 7.10
C PRO A 360 -22.74 7.93 8.24
N ASP A 361 -22.64 9.16 8.77
CA ASP A 361 -21.64 9.51 9.78
C ASP A 361 -20.25 9.14 9.27
N PRO A 362 -19.78 9.77 8.18
CA PRO A 362 -18.60 9.23 7.47
C PRO A 362 -17.32 9.33 8.26
N ASP A 363 -17.25 10.19 9.27
CA ASP A 363 -16.00 10.34 9.99
C ASP A 363 -15.93 9.40 11.18
N GLU A 364 -16.98 8.61 11.39
CA GLU A 364 -17.09 7.73 12.55
C GLU A 364 -16.71 6.31 12.18
N PHE A 365 -16.08 5.62 13.11
CA PHE A 365 -15.67 4.22 12.98
C PHE A 365 -16.86 3.31 13.27
N VAL A 366 -17.44 2.71 12.24
CA VAL A 366 -18.66 1.91 12.37
C VAL A 366 -18.51 0.61 11.58
N PRO A 367 -17.86 -0.43 12.11
CA PRO A 367 -17.70 -1.67 11.32
C PRO A 367 -19.03 -2.35 11.01
N GLU A 368 -20.10 -2.03 11.74
CA GLU A 368 -21.42 -2.56 11.39
C GLU A 368 -21.84 -2.17 9.99
N ARG A 369 -21.24 -1.11 9.42
CA ARG A 369 -21.50 -0.70 8.04
C ARG A 369 -21.50 -1.89 7.10
N TYR A 370 -20.66 -2.90 7.39
CA TYR A 370 -20.49 -3.93 6.38
C TYR A 370 -21.35 -5.15 6.62
N GLN A 371 -22.14 -5.17 7.70
CA GLN A 371 -23.07 -6.25 7.98
C GLN A 371 -24.30 -6.14 7.08
N GLU A 372 -25.03 -7.27 6.97
N GLU A 372 -25.03 -7.27 6.97
CA GLU A 372 -25.97 -7.51 5.88
CA GLU A 372 -25.97 -7.51 5.88
C GLU A 372 -26.92 -6.37 5.57
C GLU A 372 -26.92 -6.37 5.57
N PRO A 373 -27.64 -5.76 6.53
CA PRO A 373 -28.58 -4.70 6.15
C PRO A 373 -27.91 -3.58 5.37
N ARG A 374 -26.77 -3.10 5.84
CA ARG A 374 -26.15 -1.92 5.25
C ARG A 374 -25.18 -2.27 4.11
N GLN A 375 -24.25 -3.18 4.35
CA GLN A 375 -23.28 -3.64 3.35
C GLN A 375 -22.79 -2.49 2.48
N GLU A 376 -22.23 -1.49 3.14
CA GLU A 376 -21.95 -0.24 2.45
C GLU A 376 -20.80 -0.38 1.47
N ASP A 377 -19.94 -1.41 1.63
CA ASP A 377 -18.90 -1.63 0.63
C ASP A 377 -19.50 -2.17 -0.66
N LEU A 378 -20.36 -3.18 -0.55
CA LEU A 378 -20.89 -3.86 -1.74
C LEU A 378 -21.87 -3.00 -2.52
N ILE A 379 -22.66 -2.17 -1.84
CA ILE A 379 -23.68 -1.43 -2.57
C ILE A 379 -23.20 -0.06 -3.03
N ASN A 380 -21.94 0.30 -2.74
CA ASN A 380 -21.35 1.55 -3.22
C ASN A 380 -20.05 1.28 -3.97
N ARG A 381 -20.13 0.48 -5.03
CA ARG A 381 -18.93 -0.05 -5.64
C ARG A 381 -18.08 1.02 -6.27
N TRP A 382 -18.66 2.19 -6.60
CA TRP A 382 -17.89 3.28 -7.20
C TRP A 382 -17.47 4.36 -6.21
N THR A 383 -17.88 4.29 -4.94
CA THR A 383 -17.38 5.24 -3.97
C THR A 383 -16.70 4.59 -2.77
N TRP A 384 -16.98 3.32 -2.46
CA TRP A 384 -16.16 2.58 -1.49
C TRP A 384 -14.98 2.02 -2.26
N ILE A 385 -13.87 2.77 -2.30
CA ILE A 385 -12.79 2.41 -3.22
C ILE A 385 -11.40 2.32 -2.57
N PRO A 386 -11.24 1.81 -1.33
CA PRO A 386 -9.87 1.65 -0.82
C PRO A 386 -9.03 0.69 -1.66
N PHE A 387 -9.66 -0.29 -2.32
CA PHE A 387 -8.97 -1.21 -3.23
C PHE A 387 -9.22 -0.86 -4.69
N GLY A 388 -9.64 0.36 -5.00
CA GLY A 388 -10.01 0.63 -6.37
C GLY A 388 -11.37 0.02 -6.74
N ALA A 389 -11.60 -0.09 -8.05
CA ALA A 389 -12.87 -0.58 -8.58
C ALA A 389 -12.72 -0.85 -10.08
N GLY A 390 -13.71 -1.56 -10.62
CA GLY A 390 -13.83 -1.72 -12.06
C GLY A 390 -12.62 -2.41 -12.64
N ARG A 391 -12.06 -1.81 -13.70
CA ARG A 391 -10.89 -2.32 -14.40
C ARG A 391 -9.60 -2.10 -13.63
N HIS A 392 -9.62 -1.35 -12.53
CA HIS A 392 -8.42 -1.05 -11.76
C HIS A 392 -8.67 -1.41 -10.30
N ARG A 393 -8.93 -2.68 -10.06
N ARG A 393 -8.94 -2.68 -10.06
CA ARG A 393 -9.06 -3.22 -8.72
CA ARG A 393 -9.06 -3.22 -8.72
C ARG A 393 -7.69 -3.73 -8.25
C ARG A 393 -7.70 -3.72 -8.25
N CYS A 394 -7.44 -3.60 -6.95
CA CYS A 394 -6.23 -4.15 -6.38
C CYS A 394 -6.19 -5.65 -6.62
N VAL A 395 -5.15 -6.10 -7.32
CA VAL A 395 -5.07 -7.53 -7.56
C VAL A 395 -4.62 -8.29 -6.31
N GLY A 396 -4.03 -7.62 -5.33
CA GLY A 396 -3.61 -8.32 -4.14
C GLY A 396 -4.59 -8.19 -2.98
N ALA A 397 -5.83 -7.78 -3.25
CA ALA A 397 -6.79 -7.50 -2.18
C ALA A 397 -7.03 -8.73 -1.32
N ALA A 398 -7.21 -9.89 -1.93
CA ALA A 398 -7.43 -11.08 -1.13
C ALA A 398 -6.17 -11.45 -0.35
N PHE A 399 -5.01 -11.31 -0.96
CA PHE A 399 -3.77 -11.58 -0.23
C PHE A 399 -3.61 -10.59 0.93
N ALA A 400 -3.91 -9.31 0.67
CA ALA A 400 -3.77 -8.29 1.71
C ALA A 400 -4.69 -8.57 2.89
N THR A 401 -5.95 -8.95 2.60
CA THR A 401 -6.92 -9.23 3.65
C THR A 401 -6.54 -10.47 4.43
N MET A 402 -6.14 -11.54 3.72
CA MET A 402 -5.63 -12.73 4.41
C MET A 402 -4.44 -12.39 5.32
N GLN A 403 -3.52 -11.55 4.83
CA GLN A 403 -2.32 -11.23 5.61
C GLN A 403 -2.68 -10.51 6.90
N ILE A 404 -3.56 -9.51 6.83
CA ILE A 404 -4.03 -8.85 8.04
C ILE A 404 -4.65 -9.85 9.01
N LYS A 405 -5.47 -10.77 8.50
CA LYS A 405 -6.12 -11.74 9.39
C LYS A 405 -5.09 -12.65 10.06
N ALA A 406 -4.08 -13.08 9.32
CA ALA A 406 -3.02 -13.92 9.89
C ALA A 406 -2.19 -13.15 10.92
N ILE A 407 -1.80 -11.91 10.58
CA ILE A 407 -0.99 -11.09 11.48
C ILE A 407 -1.70 -10.92 12.81
N PHE A 408 -2.97 -10.50 12.77
CA PHE A 408 -3.62 -10.19 14.04
C PHE A 408 -4.12 -11.44 14.75
N SER A 409 -4.35 -12.54 14.02
CA SER A 409 -4.54 -13.83 14.68
C SER A 409 -3.35 -14.17 15.57
N VAL A 410 -2.14 -13.85 15.13
CA VAL A 410 -0.98 -14.13 15.99
C VAL A 410 -0.85 -13.08 17.09
N LEU A 411 -0.76 -11.80 16.69
CA LEU A 411 -0.44 -10.73 17.62
C LEU A 411 -1.45 -10.63 18.76
N LEU A 412 -2.75 -10.72 18.45
CA LEU A 412 -3.76 -10.49 19.47
C LEU A 412 -3.98 -11.70 20.36
N ARG A 413 -3.70 -12.92 19.89
CA ARG A 413 -3.80 -14.06 20.77
C ARG A 413 -2.59 -14.16 21.68
N GLU A 414 -1.44 -13.63 21.29
CA GLU A 414 -0.27 -13.78 22.14
C GLU A 414 0.04 -12.56 23.01
N TYR A 415 -0.34 -11.36 22.59
CA TYR A 415 -0.08 -10.14 23.35
C TYR A 415 -1.34 -9.30 23.38
N GLU A 416 -1.43 -8.41 24.37
CA GLU A 416 -2.46 -7.39 24.38
C GLU A 416 -1.78 -6.04 24.39
N PHE A 417 -2.48 -5.04 23.84
CA PHE A 417 -1.86 -3.77 23.53
C PHE A 417 -2.64 -2.61 24.15
N GLU A 418 -1.93 -1.49 24.29
CA GLU A 418 -2.50 -0.28 24.84
C GLU A 418 -1.79 0.90 24.23
N MET A 419 -2.55 1.96 23.93
CA MET A 419 -1.94 3.16 23.41
C MET A 419 -0.95 3.73 24.42
N ALA A 420 0.17 4.24 23.91
CA ALA A 420 1.16 4.94 24.71
C ALA A 420 1.08 6.45 24.52
N GLN A 421 -0.03 6.95 24.00
CA GLN A 421 -0.21 8.35 23.70
C GLN A 421 -1.69 8.58 23.47
N PRO A 422 -2.17 9.82 23.42
CA PRO A 422 -3.63 10.04 23.29
C PRO A 422 -4.17 9.50 21.98
N ALA A 423 -5.43 9.03 22.01
CA ALA A 423 -6.04 8.43 20.82
C ALA A 423 -5.97 9.36 19.61
N ASP A 424 -6.20 10.65 19.82
CA ASP A 424 -6.18 11.61 18.72
C ASP A 424 -4.77 11.98 18.23
N SER A 425 -3.71 11.44 18.83
CA SER A 425 -2.36 11.86 18.44
C SER A 425 -1.73 10.94 17.42
N TYR A 426 -2.38 9.85 17.01
CA TYR A 426 -1.90 9.04 15.90
C TYR A 426 -2.34 9.68 14.59
N ARG A 427 -1.38 9.91 13.71
CA ARG A 427 -1.67 10.60 12.45
C ARG A 427 -0.66 10.17 11.40
N ASN A 428 -1.04 10.36 10.13
CA ASN A 428 -0.21 9.98 9.00
C ASN A 428 0.71 11.12 8.57
N ASP A 429 1.83 10.74 7.98
CA ASP A 429 2.78 11.64 7.34
C ASP A 429 2.47 11.67 5.85
N HIS A 430 2.07 12.84 5.33
CA HIS A 430 1.76 13.01 3.92
C HIS A 430 2.82 13.81 3.17
N SER A 431 4.04 13.91 3.72
CA SER A 431 5.10 14.65 3.03
C SER A 431 5.55 13.94 1.76
N LYS A 432 5.33 12.65 1.64
CA LYS A 432 5.76 11.87 0.49
C LYS A 432 4.53 11.25 -0.15
N MET A 433 4.63 10.88 -1.44
CA MET A 433 3.47 10.29 -2.10
C MET A 433 3.16 8.89 -1.55
N VAL A 434 4.17 8.19 -1.05
CA VAL A 434 3.92 7.00 -0.24
C VAL A 434 3.61 7.43 1.20
N VAL A 435 2.39 7.11 1.67
CA VAL A 435 1.94 7.47 3.00
C VAL A 435 2.54 6.53 4.04
N GLN A 436 2.94 7.09 5.17
CA GLN A 436 3.28 6.28 6.33
C GLN A 436 2.94 7.08 7.58
N LEU A 437 2.97 6.40 8.73
CA LEU A 437 2.63 7.05 9.98
C LEU A 437 3.58 8.21 10.28
N ALA A 438 3.06 9.23 10.95
CA ALA A 438 3.92 10.28 11.48
C ALA A 438 4.33 9.96 12.91
N ARG A 439 5.50 10.48 13.30
CA ARG A 439 5.88 10.38 14.72
C ARG A 439 5.12 11.40 15.55
N PRO A 440 4.80 11.08 16.81
CA PRO A 440 5.05 9.79 17.42
C PRO A 440 3.88 8.83 17.20
N ALA A 441 4.15 7.52 17.20
CA ALA A 441 3.10 6.52 17.10
C ALA A 441 3.61 5.28 17.84
N ARG A 442 3.33 5.21 19.13
CA ARG A 442 3.89 4.14 19.96
C ARG A 442 2.78 3.45 20.73
N VAL A 443 2.97 2.16 20.96
CA VAL A 443 2.00 1.35 21.69
C VAL A 443 2.76 0.44 22.66
N ARG A 444 2.12 0.15 23.79
CA ARG A 444 2.61 -0.81 24.77
C ARG A 444 2.01 -2.19 24.52
N TYR A 445 2.80 -3.21 24.84
CA TYR A 445 2.35 -4.59 24.79
C TYR A 445 2.62 -5.28 26.12
N ARG A 446 1.77 -6.25 26.41
CA ARG A 446 1.92 -7.16 27.55
C ARG A 446 1.54 -8.56 27.09
N ARG A 447 2.33 -9.55 27.46
CA ARG A 447 2.03 -10.91 27.06
C ARG A 447 0.74 -11.41 27.72
N ARG A 448 -0.08 -12.14 26.97
CA ARG A 448 -1.36 -12.62 27.48
C ARG A 448 -1.19 -13.89 28.31
N LYS A 449 -2.14 -14.12 29.21
CA LYS A 449 -2.14 -15.31 30.07
C LYS A 449 -2.04 -16.61 29.28
#